data_3SKP
#
_entry.id   3SKP
#
_cell.length_a   95.847
_cell.length_b   95.847
_cell.length_c   204.140
_cell.angle_alpha   90.00
_cell.angle_beta   90.00
_cell.angle_gamma   90.00
#
_symmetry.space_group_name_H-M   'I 4 2 2'
#
loop_
_entity.id
_entity.type
_entity.pdbx_description
1 polymer Serotransferrin
2 non-polymer 'SULFATE ION'
3 water water
#
_entity_poly.entity_id   1
_entity_poly.type   'polypeptide(L)'
_entity_poly.pdbx_seq_one_letter_code
;GCKPVKWCALSHHERLKCDEWSVNSVGKIECVSAETTEDCIAKIMNGEADAMSLDGGFVYIAGKCGLVPVLAENYNKSDN
CEDTPEAGYFAVAVVKKSASDLTWDNLKGKKSCHTAVGRTAGWNIPMGLLYNKINHCRFDEFFSEGCAPGSKKDSSLCKL
CMGSGLNLCEPNNKEGYYGYTGAFRCLVEKGDVAFVKHQTVPQNTGGKNPDPWAKNLNEKDYELLCLDGTRKPVEEYANC
HLARAPNHAVVTRKDKEACVHKILRQQQHLFGSNVTDCSGNFCLFRSETKDLLFRDDTVCLAKLHDRNTYEKYLGEEYVK
AVGNLRKCSTSSLLEACTFRRP
;
_entity_poly.pdbx_strand_id   A
#
# COMPACT_ATOMS: atom_id res chain seq x y z
N CYS A 2 -23.47 19.61 -7.61
CA CYS A 2 -22.90 18.41 -7.01
C CYS A 2 -23.12 17.15 -7.85
N LYS A 3 -24.38 16.84 -8.14
CA LYS A 3 -24.67 15.72 -9.02
C LYS A 3 -24.42 16.15 -10.46
N PRO A 4 -23.70 15.33 -11.22
CA PRO A 4 -23.07 14.09 -10.79
C PRO A 4 -21.62 14.27 -10.34
N VAL A 5 -21.11 13.32 -9.57
CA VAL A 5 -19.69 13.28 -9.26
C VAL A 5 -19.00 12.58 -10.42
N LYS A 6 -18.04 13.26 -11.04
CA LYS A 6 -17.30 12.67 -12.15
C LYS A 6 -16.09 11.89 -11.68
N TRP A 7 -16.15 10.58 -11.85
CA TRP A 7 -15.07 9.70 -11.41
C TRP A 7 -14.04 9.53 -12.51
N CYS A 8 -12.75 9.45 -12.17
CA CYS A 8 -11.73 9.30 -13.20
C CYS A 8 -11.21 7.86 -13.28
N ALA A 9 -11.24 7.27 -14.48
CA ALA A 9 -10.80 5.90 -14.71
C ALA A 9 -9.47 5.91 -15.44
N LEU A 10 -8.53 5.06 -15.03
CA LEU A 10 -7.20 5.07 -15.65
C LEU A 10 -6.88 3.81 -16.44
N SER A 11 -7.89 3.01 -16.73
CA SER A 11 -7.71 1.83 -17.60
C SER A 11 -9.02 1.52 -18.28
N HIS A 12 -8.97 0.71 -19.34
CA HIS A 12 -10.19 0.33 -20.03
C HIS A 12 -11.11 -0.42 -19.09
N HIS A 13 -10.57 -1.36 -18.32
CA HIS A 13 -11.40 -2.13 -17.40
C HIS A 13 -11.99 -1.24 -16.29
N GLU A 14 -11.22 -0.26 -15.81
CA GLU A 14 -11.78 0.72 -14.86
C GLU A 14 -12.91 1.51 -15.49
N ARG A 15 -12.73 1.93 -16.74
CA ARG A 15 -13.77 2.71 -17.40
C ARG A 15 -15.05 1.89 -17.56
N LEU A 16 -14.92 0.62 -17.92
CA LEU A 16 -16.09 -0.26 -18.06
C LEU A 16 -16.84 -0.36 -16.72
N LYS A 17 -16.10 -0.51 -15.64
CA LYS A 17 -16.72 -0.60 -14.31
C LYS A 17 -17.40 0.73 -13.95
N CYS A 18 -16.72 1.82 -14.25
CA CYS A 18 -17.28 3.14 -13.99
C CYS A 18 -18.55 3.38 -14.81
N ASP A 19 -18.57 2.93 -16.06
CA ASP A 19 -19.76 3.02 -16.88
C ASP A 19 -20.93 2.28 -16.23
N GLU A 20 -20.64 1.07 -15.74
CA GLU A 20 -21.67 0.26 -15.08
C GLU A 20 -22.17 0.98 -13.83
N TRP A 21 -21.24 1.51 -13.05
CA TRP A 21 -21.60 2.27 -11.85
C TRP A 21 -22.49 3.44 -12.23
N SER A 22 -22.08 4.16 -13.26
CA SER A 22 -22.80 5.35 -13.67
C SER A 22 -24.28 5.08 -13.97
N VAL A 23 -24.57 4.08 -14.80
CA VAL A 23 -25.98 3.84 -15.16
C VAL A 23 -26.77 3.30 -13.96
N ASN A 24 -26.13 2.48 -13.14
CA ASN A 24 -26.80 1.97 -11.95
C ASN A 24 -27.12 3.09 -10.94
N SER A 25 -26.28 4.12 -10.94
CA SER A 25 -26.43 5.26 -10.02
C SER A 25 -27.51 6.23 -10.50
N VAL A 26 -28.04 5.97 -11.69
CA VAL A 26 -28.98 6.87 -12.35
C VAL A 26 -28.43 8.29 -12.34
N GLY A 27 -27.18 8.44 -12.79
CA GLY A 27 -26.60 9.74 -13.03
C GLY A 27 -26.00 10.48 -11.84
N LYS A 28 -25.98 9.87 -10.65
CA LYS A 28 -25.30 10.49 -9.52
C LYS A 28 -23.79 10.41 -9.73
N ILE A 29 -23.37 9.44 -10.53
CA ILE A 29 -21.96 9.25 -10.86
C ILE A 29 -21.82 9.31 -12.37
N GLU A 30 -20.77 9.96 -12.86
CA GLU A 30 -20.45 9.95 -14.28
C GLU A 30 -18.98 9.59 -14.43
N CYS A 31 -18.56 9.25 -15.63
CA CYS A 31 -17.21 8.73 -15.82
C CYS A 31 -16.40 9.57 -16.78
N VAL A 32 -15.12 9.71 -16.45
CA VAL A 32 -14.14 10.31 -17.33
C VAL A 32 -12.91 9.40 -17.34
N SER A 33 -12.21 9.34 -18.46
CA SER A 33 -11.00 8.52 -18.57
C SER A 33 -9.80 9.41 -18.74
N ALA A 34 -8.66 8.94 -18.22
CA ALA A 34 -7.39 9.60 -18.52
C ALA A 34 -6.32 8.52 -18.68
N GLU A 35 -5.23 8.87 -19.35
CA GLU A 35 -4.25 7.86 -19.71
C GLU A 35 -3.54 7.25 -18.53
N THR A 36 -3.17 8.10 -17.57
CA THR A 36 -2.39 7.66 -16.42
C THR A 36 -2.95 8.27 -15.14
N THR A 37 -2.47 7.78 -14.00
CA THR A 37 -2.87 8.34 -12.72
C THR A 37 -2.63 9.86 -12.66
N GLU A 38 -1.44 10.29 -13.06
CA GLU A 38 -1.13 11.73 -13.03
C GLU A 38 -2.08 12.54 -13.92
N ASP A 39 -2.48 11.98 -15.05
CA ASP A 39 -3.43 12.68 -15.91
C ASP A 39 -4.79 12.81 -15.25
N CYS A 40 -5.19 11.78 -14.51
CA CYS A 40 -6.45 11.84 -13.75
C CYS A 40 -6.37 12.89 -12.65
N ILE A 41 -5.26 12.94 -11.94
CA ILE A 41 -5.12 13.92 -10.88
C ILE A 41 -5.23 15.33 -11.47
N ALA A 42 -4.58 15.54 -12.60
CA ALA A 42 -4.65 16.83 -13.29
C ALA A 42 -6.10 17.17 -13.69
N LYS A 43 -6.86 16.17 -14.12
CA LYS A 43 -8.26 16.43 -14.45
C LYS A 43 -9.07 16.81 -13.21
N ILE A 44 -8.77 16.23 -12.06
CA ILE A 44 -9.49 16.63 -10.85
C ILE A 44 -9.13 18.09 -10.49
N MET A 45 -7.85 18.41 -10.59
CA MET A 45 -7.40 19.79 -10.31
C MET A 45 -8.11 20.81 -11.18
N ASN A 46 -8.27 20.50 -12.47
CA ASN A 46 -8.83 21.49 -13.39
C ASN A 46 -10.33 21.37 -13.64
N GLY A 47 -10.98 20.47 -12.91
CA GLY A 47 -12.43 20.36 -12.94
C GLY A 47 -13.02 19.43 -13.98
N GLU A 48 -12.17 18.79 -14.77
CA GLU A 48 -12.66 17.84 -15.77
C GLU A 48 -13.15 16.53 -15.13
N ALA A 49 -12.69 16.27 -13.91
CA ALA A 49 -13.19 15.14 -13.11
C ALA A 49 -13.31 15.64 -11.67
N ASP A 50 -13.94 14.83 -10.81
CA ASP A 50 -14.14 15.24 -9.41
C ASP A 50 -13.40 14.37 -8.39
N ALA A 51 -13.23 13.08 -8.67
CA ALA A 51 -12.72 12.20 -7.62
C ALA A 51 -12.12 10.92 -8.18
N MET A 52 -11.21 10.33 -7.40
CA MET A 52 -10.68 8.99 -7.66
C MET A 52 -10.07 8.48 -6.38
N SER A 53 -9.80 7.17 -6.31
CA SER A 53 -9.11 6.62 -5.15
C SER A 53 -7.62 6.47 -5.46
N LEU A 54 -6.77 6.80 -4.49
CA LEU A 54 -5.33 6.80 -4.71
C LEU A 54 -4.57 6.08 -3.59
N ASP A 55 -3.43 5.49 -3.94
CA ASP A 55 -2.53 4.95 -2.91
C ASP A 55 -1.75 6.09 -2.22
N GLY A 56 -1.03 5.75 -1.15
CA GLY A 56 -0.33 6.75 -0.35
C GLY A 56 0.60 7.66 -1.14
N GLY A 57 1.36 7.07 -2.06
CA GLY A 57 2.29 7.83 -2.87
C GLY A 57 1.59 8.90 -3.69
N PHE A 58 0.43 8.54 -4.23
CA PHE A 58 -0.34 9.50 -5.02
C PHE A 58 -1.16 10.47 -4.19
N VAL A 59 -1.59 10.05 -2.99
CA VAL A 59 -2.21 11.01 -2.08
C VAL A 59 -1.23 12.13 -1.78
N TYR A 60 0.04 11.76 -1.65
CA TYR A 60 1.11 12.74 -1.47
C TYR A 60 1.18 13.71 -2.66
N ILE A 61 1.32 13.16 -3.87
CA ILE A 61 1.37 14.02 -5.05
C ILE A 61 0.10 14.87 -5.18
N ALA A 62 -1.07 14.25 -5.06
CA ALA A 62 -2.33 14.97 -5.16
C ALA A 62 -2.43 16.09 -4.13
N GLY A 63 -1.91 15.84 -2.93
CA GLY A 63 -1.92 16.83 -1.87
C GLY A 63 -0.98 17.99 -2.14
N LYS A 64 0.20 17.70 -2.68
CA LYS A 64 1.10 18.77 -3.09
C LYS A 64 0.41 19.61 -4.18
N CYS A 65 -0.52 18.99 -4.91
CA CYS A 65 -1.25 19.70 -5.95
C CYS A 65 -2.54 20.35 -5.44
N GLY A 66 -2.77 20.28 -4.13
CA GLY A 66 -3.90 20.97 -3.53
C GLY A 66 -5.17 20.16 -3.33
N LEU A 67 -5.17 18.90 -3.74
CA LEU A 67 -6.34 18.05 -3.53
C LEU A 67 -6.29 17.48 -2.11
N VAL A 68 -7.45 17.08 -1.59
CA VAL A 68 -7.52 16.56 -0.22
C VAL A 68 -8.12 15.17 -0.18
N PRO A 69 -7.64 14.31 0.74
CA PRO A 69 -8.27 13.02 0.93
C PRO A 69 -9.54 13.21 1.78
N VAL A 70 -10.65 12.60 1.38
CA VAL A 70 -11.92 12.82 2.07
C VAL A 70 -12.58 11.54 2.56
N LEU A 71 -12.18 10.41 2.01
CA LEU A 71 -12.68 9.10 2.47
C LEU A 71 -11.52 8.12 2.48
N ALA A 72 -11.43 7.28 3.51
CA ALA A 72 -10.47 6.19 3.50
C ALA A 72 -11.17 4.90 3.09
N GLU A 73 -10.49 4.07 2.30
CA GLU A 73 -10.97 2.72 2.05
C GLU A 73 -10.67 1.96 3.34
N ASN A 74 -11.70 1.40 3.98
CA ASN A 74 -11.51 0.56 5.15
C ASN A 74 -11.52 -0.90 4.70
N TYR A 75 -10.64 -1.70 5.28
CA TYR A 75 -10.51 -3.11 4.88
C TYR A 75 -11.00 -4.09 5.95
N ASN A 76 -11.34 -3.61 7.13
CA ASN A 76 -11.85 -4.48 8.18
C ASN A 76 -13.36 -4.31 8.45
N LYS A 77 -14.03 -5.38 8.85
CA LYS A 77 -15.46 -5.30 9.17
C LYS A 77 -15.70 -4.69 10.55
N SER A 78 -16.81 -3.95 10.68
CA SER A 78 -17.18 -3.36 11.97
C SER A 78 -18.54 -2.67 11.86
N ASP A 79 -19.15 -2.39 13.00
CA ASP A 79 -20.50 -1.81 12.99
C ASP A 79 -20.53 -0.31 12.73
N ASN A 80 -19.39 0.35 12.85
CA ASN A 80 -19.31 1.79 12.67
C ASN A 80 -18.36 2.15 11.53
N CYS A 81 -18.25 1.25 10.56
CA CYS A 81 -17.23 1.37 9.51
C CYS A 81 -17.19 2.75 8.85
N GLU A 82 -18.33 3.24 8.38
CA GLU A 82 -18.29 4.45 7.53
C GLU A 82 -17.98 5.75 8.29
N ASP A 83 -17.99 5.68 9.62
CA ASP A 83 -17.69 6.84 10.44
C ASP A 83 -16.36 6.69 11.15
N THR A 84 -15.65 5.61 10.84
CA THR A 84 -14.44 5.25 11.59
C THR A 84 -13.29 4.88 10.65
N PRO A 85 -12.58 5.88 10.10
CA PRO A 85 -11.49 5.57 9.16
C PRO A 85 -10.27 4.90 9.80
N GLU A 86 -9.81 3.81 9.18
CA GLU A 86 -8.62 3.08 9.62
C GLU A 86 -7.36 3.87 9.31
N ALA A 87 -6.31 3.63 10.10
CA ALA A 87 -5.05 4.37 9.98
C ALA A 87 -4.00 3.60 9.17
N GLY A 88 -4.31 2.36 8.81
CA GLY A 88 -3.39 1.58 8.01
C GLY A 88 -2.61 0.61 8.88
N TYR A 89 -1.32 0.47 8.60
CA TYR A 89 -0.48 -0.42 9.38
C TYR A 89 0.93 0.16 9.48
N PHE A 90 1.78 -0.48 10.27
CA PHE A 90 3.14 0.02 10.45
C PHE A 90 4.13 -0.92 9.80
N ALA A 91 4.89 -0.39 8.85
CA ALA A 91 5.94 -1.17 8.20
C ALA A 91 7.08 -1.37 9.20
N VAL A 92 7.61 -2.59 9.27
CA VAL A 92 8.68 -2.92 10.21
C VAL A 92 9.79 -3.71 9.53
N ALA A 93 10.98 -3.66 10.11
CA ALA A 93 12.10 -4.47 9.66
C ALA A 93 12.41 -5.50 10.73
N VAL A 94 12.24 -6.77 10.38
CA VAL A 94 12.32 -7.87 11.35
C VAL A 94 13.63 -8.61 11.14
N VAL A 95 14.29 -8.94 12.26
CA VAL A 95 15.49 -9.76 12.22
C VAL A 95 15.37 -10.88 13.25
N LYS A 96 16.30 -11.84 13.20
CA LYS A 96 16.33 -12.87 14.22
C LYS A 96 17.08 -12.36 15.46
N LYS A 97 16.56 -12.66 16.64
CA LYS A 97 17.20 -12.22 17.87
C LYS A 97 18.61 -12.80 17.97
N SER A 98 18.81 -13.96 17.35
CA SER A 98 20.10 -14.65 17.42
C SER A 98 21.17 -13.95 16.60
N ALA A 99 20.75 -13.07 15.70
CA ALA A 99 21.69 -12.41 14.79
C ALA A 99 22.58 -11.42 15.51
N SER A 100 23.88 -11.53 15.30
CA SER A 100 24.85 -10.67 15.95
C SER A 100 25.17 -9.42 15.15
N ASP A 101 25.16 -8.28 15.83
CA ASP A 101 25.67 -7.02 15.27
C ASP A 101 24.78 -6.39 14.19
N LEU A 102 23.57 -6.91 14.02
CA LEU A 102 22.68 -6.44 12.95
C LEU A 102 21.82 -5.28 13.42
N THR A 103 21.96 -4.12 12.78
CA THR A 103 21.11 -2.96 13.09
C THR A 103 20.73 -2.22 11.82
N TRP A 104 19.85 -1.23 11.95
CA TRP A 104 19.47 -0.40 10.81
C TRP A 104 20.69 0.22 10.15
N ASP A 105 21.70 0.55 10.96
CA ASP A 105 22.86 1.29 10.49
C ASP A 105 23.82 0.48 9.64
N ASN A 106 23.75 -0.84 9.71
CA ASN A 106 24.66 -1.68 8.94
C ASN A 106 23.98 -2.71 8.04
N LEU A 107 22.85 -2.34 7.46
CA LEU A 107 22.13 -3.25 6.56
C LEU A 107 22.83 -3.40 5.23
N LYS A 108 23.65 -2.43 4.85
CA LYS A 108 24.37 -2.49 3.58
C LYS A 108 25.07 -3.85 3.45
N GLY A 109 24.87 -4.52 2.33
CA GLY A 109 25.52 -5.78 2.05
C GLY A 109 24.96 -7.00 2.76
N LYS A 110 23.89 -6.84 3.54
CA LYS A 110 23.26 -7.97 4.22
C LYS A 110 22.28 -8.65 3.27
N LYS A 111 21.62 -9.71 3.74
CA LYS A 111 20.70 -10.47 2.90
C LYS A 111 19.27 -10.09 3.23
N SER A 112 18.47 -9.73 2.21
CA SER A 112 17.15 -9.15 2.46
C SER A 112 15.97 -9.96 1.92
N CYS A 113 14.83 -9.83 2.58
CA CYS A 113 13.58 -10.47 2.17
C CYS A 113 12.50 -9.41 2.02
N HIS A 114 12.01 -9.23 0.81
CA HIS A 114 10.99 -8.21 0.51
C HIS A 114 9.70 -8.88 0.07
N THR A 115 8.55 -8.29 0.40
CA THR A 115 7.28 -8.88 0.01
C THR A 115 7.21 -8.99 -1.52
N ALA A 116 7.58 -7.91 -2.18
CA ALA A 116 7.74 -7.90 -3.64
C ALA A 116 8.29 -6.54 -4.04
N VAL A 117 8.93 -6.44 -5.19
CA VAL A 117 9.40 -5.13 -5.63
C VAL A 117 8.20 -4.22 -5.85
N GLY A 118 8.33 -2.97 -5.40
CA GLY A 118 7.29 -1.97 -5.61
C GLY A 118 6.17 -1.96 -4.58
N ARG A 119 6.17 -2.91 -3.64
CA ARG A 119 5.14 -2.94 -2.61
C ARG A 119 5.47 -1.92 -1.53
N THR A 120 4.44 -1.42 -0.85
CA THR A 120 4.65 -0.35 0.13
C THR A 120 5.51 -0.81 1.32
N ALA A 121 5.07 -1.84 2.03
CA ALA A 121 5.81 -2.30 3.21
C ALA A 121 7.12 -2.99 2.84
N GLY A 122 7.11 -3.73 1.74
CA GLY A 122 8.24 -4.60 1.43
C GLY A 122 9.37 -3.92 0.67
N TRP A 123 9.10 -2.73 0.14
CA TRP A 123 10.04 -2.12 -0.78
C TRP A 123 10.06 -0.60 -0.69
N ASN A 124 8.93 0.02 -0.98
CA ASN A 124 8.89 1.49 -1.06
C ASN A 124 9.33 2.17 0.24
N ILE A 125 8.75 1.74 1.36
CA ILE A 125 9.09 2.35 2.64
C ILE A 125 10.55 2.12 3.04
N PRO A 126 11.00 0.86 3.11
CA PRO A 126 12.40 0.71 3.53
C PRO A 126 13.40 1.32 2.54
N MET A 127 13.18 1.17 1.23
CA MET A 127 14.13 1.74 0.28
C MET A 127 14.13 3.26 0.34
N GLY A 128 12.95 3.86 0.47
CA GLY A 128 12.84 5.30 0.64
C GLY A 128 13.56 5.81 1.89
N LEU A 129 13.53 5.04 2.97
CA LEU A 129 14.22 5.47 4.19
C LEU A 129 15.72 5.16 4.17
N LEU A 130 16.13 4.22 3.34
CA LEU A 130 17.54 3.89 3.18
C LEU A 130 18.22 4.81 2.17
N TYR A 131 17.43 5.70 1.60
CA TYR A 131 17.83 6.52 0.46
C TYR A 131 19.21 7.18 0.62
N ASN A 132 19.46 7.74 1.78
CA ASN A 132 20.73 8.45 2.00
C ASN A 132 21.96 7.57 1.80
N LYS A 133 21.80 6.26 1.96
CA LYS A 133 22.92 5.33 1.82
C LYS A 133 22.92 4.63 0.48
N ILE A 134 21.97 4.98 -0.37
CA ILE A 134 21.85 4.35 -1.67
C ILE A 134 22.67 5.13 -2.67
N ASN A 135 23.41 4.42 -3.52
CA ASN A 135 24.24 5.02 -4.53
C ASN A 135 23.52 5.12 -5.86
N HIS A 136 23.33 6.34 -6.35
CA HIS A 136 22.79 6.57 -7.69
C HIS A 136 21.49 5.82 -7.96
N CYS A 137 20.63 5.77 -6.94
CA CYS A 137 19.30 5.19 -7.06
C CYS A 137 19.32 3.69 -7.34
N ARG A 138 20.43 3.03 -7.02
CA ARG A 138 20.56 1.60 -7.26
C ARG A 138 20.08 0.80 -6.06
N PHE A 139 18.77 0.81 -5.86
CA PHE A 139 18.17 0.11 -4.72
C PHE A 139 18.47 -1.39 -4.76
N ASP A 140 18.60 -1.93 -5.97
CA ASP A 140 18.86 -3.37 -6.13
C ASP A 140 20.33 -3.75 -5.90
N GLU A 141 21.16 -2.77 -5.57
CA GLU A 141 22.57 -3.04 -5.30
C GLU A 141 22.96 -2.79 -3.84
N PHE A 142 21.99 -2.44 -3.01
CA PHE A 142 22.27 -2.13 -1.62
C PHE A 142 22.57 -3.39 -0.81
N PHE A 143 21.69 -4.38 -0.92
CA PHE A 143 21.90 -5.64 -0.22
C PHE A 143 22.81 -6.54 -1.04
N SER A 144 23.53 -7.44 -0.38
CA SER A 144 24.41 -8.34 -1.10
C SER A 144 23.58 -9.25 -2.00
N GLU A 145 22.50 -9.78 -1.44
CA GLU A 145 21.55 -10.60 -2.17
C GLU A 145 20.27 -10.66 -1.36
N GLY A 146 19.22 -11.21 -1.95
CA GLY A 146 17.94 -11.31 -1.26
C GLY A 146 16.87 -11.97 -2.11
N CYS A 147 15.64 -11.88 -1.64
CA CYS A 147 14.49 -12.29 -2.42
C CYS A 147 13.52 -11.14 -2.45
N ALA A 148 13.32 -10.58 -3.64
CA ALA A 148 12.31 -9.57 -3.85
C ALA A 148 11.55 -9.93 -5.11
N PRO A 149 10.47 -10.70 -4.96
CA PRO A 149 9.73 -11.17 -6.13
C PRO A 149 9.34 -10.03 -7.07
N GLY A 150 9.57 -10.26 -8.35
CA GLY A 150 9.32 -9.23 -9.35
C GLY A 150 10.63 -8.68 -9.89
N SER A 151 11.73 -9.01 -9.24
CA SER A 151 13.05 -8.61 -9.69
C SER A 151 13.45 -9.38 -10.95
N LYS A 152 14.46 -8.88 -11.63
CA LYS A 152 14.97 -9.54 -12.83
C LYS A 152 15.52 -10.91 -12.47
N LYS A 153 15.21 -11.91 -13.31
CA LYS A 153 15.58 -13.29 -13.04
C LYS A 153 17.05 -13.47 -12.68
N ASP A 154 17.90 -12.60 -13.21
CA ASP A 154 19.34 -12.70 -12.98
C ASP A 154 19.87 -11.69 -11.97
N SER A 155 18.99 -11.12 -11.15
CA SER A 155 19.40 -10.12 -10.16
C SER A 155 19.82 -10.77 -8.85
N SER A 156 20.63 -10.05 -8.07
CA SER A 156 21.03 -10.54 -6.76
C SER A 156 19.80 -10.66 -5.86
N LEU A 157 18.75 -9.94 -6.22
CA LEU A 157 17.53 -9.95 -5.40
C LEU A 157 16.56 -11.07 -5.81
N CYS A 158 17.05 -12.01 -6.61
CA CYS A 158 16.28 -13.21 -6.91
C CYS A 158 16.99 -14.44 -6.34
N LYS A 159 18.21 -14.24 -5.86
CA LYS A 159 19.06 -15.35 -5.42
C LYS A 159 18.47 -16.20 -4.29
N LEU A 160 17.71 -15.56 -3.40
CA LEU A 160 17.21 -16.27 -2.22
C LEU A 160 15.79 -16.81 -2.40
N CYS A 161 15.16 -16.49 -3.52
CA CYS A 161 13.78 -16.91 -3.74
C CYS A 161 13.68 -18.45 -3.84
N MET A 162 12.48 -19.00 -3.64
CA MET A 162 12.35 -20.45 -3.47
C MET A 162 11.46 -21.09 -4.53
N GLY A 163 10.89 -20.28 -5.41
CA GLY A 163 10.00 -20.79 -6.44
C GLY A 163 10.61 -21.89 -7.29
N SER A 164 9.89 -23.00 -7.40
CA SER A 164 10.35 -24.14 -8.17
C SER A 164 10.01 -23.97 -9.64
N GLY A 165 10.77 -24.63 -10.51
CA GLY A 165 10.59 -24.45 -11.93
C GLY A 165 10.75 -22.99 -12.31
N LEU A 166 9.87 -22.51 -13.19
CA LEU A 166 9.96 -21.14 -13.68
C LEU A 166 9.22 -20.15 -12.77
N ASN A 167 8.72 -20.62 -11.63
CA ASN A 167 8.06 -19.73 -10.68
C ASN A 167 9.07 -18.92 -9.85
N LEU A 168 10.34 -19.29 -9.95
CA LEU A 168 11.41 -18.64 -9.21
C LEU A 168 11.35 -17.12 -9.32
N CYS A 169 11.15 -16.45 -8.17
CA CYS A 169 11.21 -15.00 -8.09
C CYS A 169 10.02 -14.28 -8.72
N GLU A 170 8.96 -15.03 -9.02
CA GLU A 170 7.76 -14.43 -9.59
C GLU A 170 6.92 -13.76 -8.50
N PRO A 171 6.36 -12.58 -8.80
CA PRO A 171 5.54 -11.86 -7.81
C PRO A 171 4.13 -12.42 -7.74
N ASN A 172 4.02 -13.66 -7.28
CA ASN A 172 2.73 -14.31 -7.11
C ASN A 172 2.87 -15.48 -6.14
N ASN A 173 1.74 -16.07 -5.77
CA ASN A 173 1.71 -17.11 -4.74
C ASN A 173 2.47 -18.40 -5.08
N LYS A 174 2.89 -18.55 -6.33
CA LYS A 174 3.64 -19.74 -6.72
C LYS A 174 5.08 -19.61 -6.23
N GLU A 175 5.46 -18.40 -5.82
CA GLU A 175 6.76 -18.15 -5.21
C GLU A 175 6.58 -18.11 -3.68
N GLY A 176 7.21 -19.06 -2.99
CA GLY A 176 7.01 -19.22 -1.57
C GLY A 176 7.36 -18.03 -0.68
N TYR A 177 8.26 -17.17 -1.16
CA TYR A 177 8.68 -16.02 -0.35
C TYR A 177 7.96 -14.73 -0.74
N TYR A 178 6.94 -14.86 -1.58
CA TYR A 178 6.15 -13.71 -2.00
C TYR A 178 5.14 -13.32 -0.92
N GLY A 179 4.97 -12.02 -0.72
CA GLY A 179 3.96 -11.53 0.20
C GLY A 179 4.51 -11.34 1.61
N TYR A 180 3.65 -10.85 2.52
CA TYR A 180 4.08 -10.65 3.91
C TYR A 180 4.55 -11.94 4.57
N THR A 181 3.71 -12.97 4.52
CA THR A 181 4.06 -14.22 5.18
C THR A 181 5.28 -14.83 4.49
N GLY A 182 5.35 -14.67 3.17
CA GLY A 182 6.46 -15.19 2.42
C GLY A 182 7.79 -14.54 2.81
N ALA A 183 7.77 -13.23 3.00
CA ALA A 183 9.01 -12.54 3.36
C ALA A 183 9.45 -12.94 4.75
N PHE A 184 8.48 -13.18 5.63
CA PHE A 184 8.82 -13.65 6.96
C PHE A 184 9.41 -15.05 6.87
N ARG A 185 8.83 -15.89 6.00
CA ARG A 185 9.36 -17.24 5.83
C ARG A 185 10.79 -17.15 5.33
N CYS A 186 11.03 -16.20 4.43
CA CYS A 186 12.36 -15.95 3.89
C CYS A 186 13.35 -15.63 5.01
N LEU A 187 12.92 -14.80 5.96
CA LEU A 187 13.79 -14.44 7.07
C LEU A 187 14.14 -15.68 7.89
N VAL A 188 13.12 -16.48 8.16
CA VAL A 188 13.26 -17.66 8.98
C VAL A 188 14.20 -18.68 8.32
N GLU A 189 14.13 -18.77 7.00
CA GLU A 189 14.82 -19.83 6.27
C GLU A 189 16.16 -19.45 5.66
N LYS A 190 16.32 -18.19 5.24
CA LYS A 190 17.49 -17.82 4.45
C LYS A 190 18.08 -16.42 4.71
N GLY A 191 17.23 -15.43 4.99
CA GLY A 191 17.67 -14.06 4.99
C GLY A 191 18.13 -13.50 6.33
N ASP A 192 18.53 -12.23 6.32
CA ASP A 192 18.95 -11.52 7.54
C ASP A 192 17.89 -10.53 8.03
N VAL A 193 17.15 -9.95 7.10
CA VAL A 193 16.13 -8.97 7.47
C VAL A 193 14.90 -9.13 6.57
N ALA A 194 13.73 -8.95 7.15
CA ALA A 194 12.49 -9.00 6.36
C ALA A 194 11.71 -7.71 6.53
N PHE A 195 11.19 -7.20 5.42
CA PHE A 195 10.44 -5.96 5.44
C PHE A 195 8.96 -6.28 5.30
N VAL A 196 8.27 -6.23 6.43
CA VAL A 196 6.87 -6.66 6.51
C VAL A 196 6.06 -5.64 7.31
N LYS A 197 4.93 -6.04 7.88
CA LYS A 197 4.15 -5.12 8.70
C LYS A 197 4.02 -5.60 10.14
N HIS A 198 3.44 -4.76 10.99
CA HIS A 198 3.49 -5.02 12.43
C HIS A 198 2.71 -6.25 12.88
N GLN A 199 1.71 -6.67 12.11
CA GLN A 199 0.96 -7.86 12.48
C GLN A 199 1.65 -9.15 12.02
N THR A 200 2.62 -9.03 11.13
CA THR A 200 3.13 -10.22 10.45
C THR A 200 3.72 -11.28 11.39
N VAL A 201 4.62 -10.88 12.28
CA VAL A 201 5.24 -11.88 13.14
C VAL A 201 4.24 -12.47 14.14
N PRO A 202 3.45 -11.63 14.81
CA PRO A 202 2.45 -12.20 15.74
C PRO A 202 1.48 -13.17 15.06
N GLN A 203 1.06 -12.88 13.83
CA GLN A 203 0.10 -13.73 13.13
C GLN A 203 0.70 -15.01 12.53
N ASN A 204 2.03 -15.11 12.58
CA ASN A 204 2.69 -16.27 11.98
C ASN A 204 3.60 -16.99 12.96
N THR A 205 3.30 -16.83 14.24
CA THR A 205 4.03 -17.51 15.30
C THR A 205 3.06 -18.09 16.32
N GLY A 206 3.57 -18.95 17.20
CA GLY A 206 2.76 -19.50 18.27
C GLY A 206 1.57 -20.32 17.81
N GLY A 207 1.65 -20.83 16.58
CA GLY A 207 0.60 -21.68 16.06
C GLY A 207 -0.54 -20.97 15.35
N LYS A 208 -0.52 -19.64 15.34
CA LYS A 208 -1.58 -18.87 14.69
C LYS A 208 -1.64 -19.14 13.19
N ASN A 209 -0.50 -19.46 12.59
CA ASN A 209 -0.44 -19.97 11.22
C ASN A 209 -0.09 -21.46 11.30
N PRO A 210 -1.01 -22.32 10.85
CA PRO A 210 -0.83 -23.78 10.99
C PRO A 210 0.11 -24.40 9.95
N ASP A 211 0.55 -23.63 8.96
CA ASP A 211 1.44 -24.18 7.93
C ASP A 211 2.73 -24.73 8.55
N PRO A 212 3.27 -25.81 8.00
CA PRO A 212 4.42 -26.48 8.62
C PRO A 212 5.58 -25.55 8.98
N TRP A 213 5.94 -24.62 8.10
CA TRP A 213 7.10 -23.77 8.36
C TRP A 213 6.87 -22.80 9.52
N ALA A 214 5.61 -22.47 9.78
CA ALA A 214 5.30 -21.42 10.76
C ALA A 214 4.82 -21.96 12.10
N LYS A 215 4.27 -23.17 12.09
CA LYS A 215 3.48 -23.63 13.23
C LYS A 215 4.23 -23.70 14.56
N ASN A 216 5.55 -23.93 14.51
CA ASN A 216 6.34 -24.05 15.74
C ASN A 216 7.28 -22.87 16.01
N LEU A 217 7.11 -21.78 15.27
CA LEU A 217 7.91 -20.58 15.49
C LEU A 217 7.52 -19.87 16.79
N ASN A 218 8.47 -19.14 17.37
CA ASN A 218 8.21 -18.39 18.59
C ASN A 218 8.40 -16.90 18.39
N GLU A 219 7.38 -16.13 18.76
CA GLU A 219 7.43 -14.67 18.64
C GLU A 219 8.68 -14.08 19.28
N LYS A 220 9.13 -14.65 20.39
CA LYS A 220 10.29 -14.12 21.10
C LYS A 220 11.61 -14.28 20.36
N ASP A 221 11.64 -15.07 19.29
CA ASP A 221 12.89 -15.28 18.55
C ASP A 221 13.21 -14.16 17.56
N TYR A 222 12.34 -13.14 17.48
CA TYR A 222 12.50 -12.07 16.50
C TYR A 222 12.53 -10.71 17.16
N GLU A 223 13.19 -9.75 16.51
CA GLU A 223 13.25 -8.39 17.00
C GLU A 223 13.02 -7.44 15.85
N LEU A 224 12.78 -6.17 16.17
CA LEU A 224 12.61 -5.13 15.16
C LEU A 224 13.83 -4.21 15.14
N LEU A 225 14.18 -3.69 13.97
CA LEU A 225 15.22 -2.67 13.84
C LEU A 225 14.61 -1.28 13.93
N CYS A 226 15.05 -0.50 14.90
CA CYS A 226 14.58 0.86 15.08
C CYS A 226 15.43 1.82 14.23
N LEU A 227 14.83 2.90 13.77
CA LEU A 227 15.54 3.83 12.90
C LEU A 227 16.78 4.43 13.57
N ASP A 228 16.78 4.46 14.90
CA ASP A 228 17.91 5.03 15.64
C ASP A 228 19.05 4.03 15.85
N GLY A 229 18.91 2.83 15.29
CA GLY A 229 19.97 1.84 15.37
C GLY A 229 19.86 0.85 16.52
N THR A 230 18.81 0.97 17.33
CA THR A 230 18.55 0.03 18.40
C THR A 230 17.59 -1.07 17.95
N ARG A 231 17.26 -1.99 18.86
CA ARG A 231 16.36 -3.10 18.56
C ARG A 231 15.33 -3.29 19.66
N LYS A 232 14.15 -3.80 19.30
CA LYS A 232 13.09 -4.05 20.26
C LYS A 232 12.33 -5.33 19.93
N PRO A 233 11.61 -5.89 20.91
CA PRO A 233 10.75 -7.06 20.64
C PRO A 233 9.68 -6.68 19.61
N VAL A 234 9.16 -7.67 18.89
CA VAL A 234 8.21 -7.37 17.81
C VAL A 234 6.90 -6.79 18.33
N GLU A 235 6.59 -7.03 19.60
CA GLU A 235 5.38 -6.43 20.20
C GLU A 235 5.52 -4.91 20.35
N GLU A 236 6.76 -4.44 20.34
CA GLU A 236 7.04 -3.03 20.62
C GLU A 236 7.29 -2.21 19.36
N TYR A 237 6.48 -2.44 18.33
CA TYR A 237 6.64 -1.72 17.07
C TYR A 237 6.28 -0.23 17.17
N ALA A 238 5.52 0.16 18.19
CA ALA A 238 5.04 1.54 18.29
C ALA A 238 6.12 2.59 18.06
N ASN A 239 7.22 2.46 18.79
CA ASN A 239 8.33 3.39 18.62
C ASN A 239 9.56 2.69 18.01
N CYS A 240 9.30 1.63 17.28
CA CYS A 240 10.36 0.90 16.59
C CYS A 240 9.84 0.37 15.27
N HIS A 241 9.32 1.27 14.44
CA HIS A 241 8.84 0.91 13.10
C HIS A 241 9.45 1.85 12.07
N LEU A 242 9.28 1.56 10.78
CA LEU A 242 9.86 2.40 9.75
C LEU A 242 8.92 3.55 9.42
N ALA A 243 7.70 3.23 8.98
CA ALA A 243 6.72 4.26 8.69
C ALA A 243 5.30 3.69 8.75
N ARG A 244 4.32 4.57 8.92
CA ARG A 244 2.93 4.14 8.85
C ARG A 244 2.45 4.16 7.41
N ALA A 245 1.97 3.01 6.93
CA ALA A 245 1.44 2.92 5.57
C ALA A 245 -0.06 3.11 5.60
N PRO A 246 -0.56 4.07 4.82
CA PRO A 246 -1.99 4.40 4.90
C PRO A 246 -2.87 3.51 4.03
N ASN A 247 -4.16 3.42 4.36
CA ASN A 247 -5.09 2.81 3.41
C ASN A 247 -5.24 3.74 2.20
N HIS A 248 -5.70 3.21 1.06
CA HIS A 248 -6.02 4.07 -0.08
C HIS A 248 -7.12 5.06 0.34
N ALA A 249 -7.15 6.21 -0.34
CA ALA A 249 -8.10 7.29 -0.01
C ALA A 249 -8.72 7.88 -1.26
N VAL A 250 -9.99 8.28 -1.16
CA VAL A 250 -10.62 9.03 -2.26
C VAL A 250 -10.20 10.48 -2.08
N VAL A 251 -9.70 11.09 -3.16
CA VAL A 251 -9.30 12.49 -3.10
C VAL A 251 -10.16 13.33 -4.04
N THR A 252 -10.32 14.61 -3.70
CA THR A 252 -11.14 15.52 -4.49
C THR A 252 -10.66 16.95 -4.24
N ARG A 253 -11.26 17.92 -4.93
CA ARG A 253 -11.03 19.34 -4.59
C ARG A 253 -11.73 19.66 -3.28
N LYS A 254 -11.12 20.51 -2.46
CA LYS A 254 -11.68 20.84 -1.14
C LYS A 254 -13.14 21.28 -1.24
N ASP A 255 -13.49 22.02 -2.29
CA ASP A 255 -14.85 22.53 -2.40
C ASP A 255 -15.87 21.45 -2.79
N LYS A 256 -15.39 20.25 -3.07
CA LYS A 256 -16.29 19.13 -3.39
C LYS A 256 -16.36 18.12 -2.25
N GLU A 257 -15.69 18.41 -1.15
CA GLU A 257 -15.63 17.48 -0.02
C GLU A 257 -17.02 17.03 0.46
N ALA A 258 -17.92 17.98 0.72
CA ALA A 258 -19.24 17.64 1.24
C ALA A 258 -20.04 16.82 0.25
N CYS A 259 -19.95 17.22 -1.01
CA CYS A 259 -20.63 16.57 -2.11
C CYS A 259 -20.18 15.11 -2.24
N VAL A 260 -18.87 14.92 -2.29
CA VAL A 260 -18.32 13.57 -2.42
C VAL A 260 -18.70 12.71 -1.20
N HIS A 261 -18.61 13.28 0.01
CA HIS A 261 -19.05 12.55 1.20
C HIS A 261 -20.48 12.03 1.03
N LYS A 262 -21.39 12.92 0.66
CA LYS A 262 -22.81 12.60 0.60
C LYS A 262 -23.11 11.57 -0.48
N ILE A 263 -22.60 11.81 -1.68
CA ILE A 263 -22.91 10.93 -2.80
C ILE A 263 -22.32 9.54 -2.60
N LEU A 264 -21.06 9.48 -2.16
CA LEU A 264 -20.40 8.18 -2.01
C LEU A 264 -20.98 7.37 -0.85
N ARG A 265 -21.42 8.03 0.21
CA ARG A 265 -22.06 7.29 1.29
C ARG A 265 -23.33 6.61 0.79
N GLN A 266 -24.13 7.35 0.00
CA GLN A 266 -25.35 6.77 -0.56
C GLN A 266 -25.00 5.63 -1.55
N GLN A 267 -23.96 5.83 -2.36
CA GLN A 267 -23.57 4.81 -3.31
C GLN A 267 -23.15 3.52 -2.64
N GLN A 268 -22.41 3.59 -1.55
CA GLN A 268 -22.01 2.37 -0.89
C GLN A 268 -23.14 1.71 -0.13
N HIS A 269 -24.12 2.49 0.33
CA HIS A 269 -25.32 1.87 0.88
C HIS A 269 -26.04 1.03 -0.18
N LEU A 270 -26.06 1.54 -1.40
CA LEU A 270 -26.71 0.84 -2.52
C LEU A 270 -25.93 -0.37 -3.01
N PHE A 271 -24.62 -0.19 -3.22
CA PHE A 271 -23.83 -1.13 -4.01
C PHE A 271 -22.61 -1.67 -3.28
N GLY A 272 -22.53 -1.41 -1.99
CA GLY A 272 -21.36 -1.74 -1.19
C GLY A 272 -21.30 -3.18 -0.67
N SER A 273 -20.65 -3.36 0.46
CA SER A 273 -20.27 -4.70 0.89
C SER A 273 -21.43 -5.54 1.42
N ASN A 274 -22.58 -4.94 1.60
CA ASN A 274 -23.75 -5.65 2.09
C ASN A 274 -24.69 -6.15 1.00
N VAL A 275 -24.31 -5.98 -0.24
CA VAL A 275 -25.10 -6.50 -1.34
C VAL A 275 -25.07 -8.03 -1.26
N THR A 276 -26.25 -8.64 -1.20
CA THR A 276 -26.35 -10.08 -0.94
C THR A 276 -25.93 -10.95 -2.13
N ASP A 277 -26.21 -10.49 -3.34
CA ASP A 277 -25.87 -11.27 -4.54
C ASP A 277 -25.20 -10.42 -5.62
N CYS A 278 -23.87 -10.52 -5.72
CA CYS A 278 -23.12 -9.74 -6.69
C CYS A 278 -23.04 -10.38 -8.06
N SER A 279 -23.62 -11.56 -8.21
CA SER A 279 -23.61 -12.23 -9.50
C SER A 279 -24.55 -11.51 -10.49
N GLY A 280 -23.96 -10.89 -11.50
CA GLY A 280 -24.75 -10.17 -12.48
C GLY A 280 -25.15 -8.77 -12.02
N ASN A 281 -25.16 -8.55 -10.71
CA ASN A 281 -25.50 -7.23 -10.16
C ASN A 281 -24.27 -6.37 -9.99
N PHE A 282 -24.45 -5.06 -10.02
CA PHE A 282 -23.32 -4.17 -9.82
C PHE A 282 -22.91 -4.12 -8.35
N CYS A 283 -21.62 -4.32 -8.11
CA CYS A 283 -21.06 -4.24 -6.75
C CYS A 283 -19.84 -3.34 -6.80
N LEU A 284 -19.87 -2.29 -5.99
CA LEU A 284 -18.85 -1.24 -6.05
C LEU A 284 -17.46 -1.75 -5.71
N PHE A 285 -17.38 -2.76 -4.84
CA PHE A 285 -16.09 -3.22 -4.34
C PHE A 285 -15.74 -4.63 -4.84
N ARG A 286 -16.31 -5.00 -6.00
CA ARG A 286 -15.91 -6.22 -6.71
C ARG A 286 -15.43 -5.84 -8.10
N SER A 287 -14.57 -6.67 -8.69
CA SER A 287 -13.94 -6.34 -9.97
C SER A 287 -13.89 -7.57 -10.88
N GLU A 288 -14.13 -7.36 -12.17
CA GLU A 288 -14.04 -8.43 -13.15
C GLU A 288 -12.59 -8.94 -13.21
N THR A 289 -11.63 -8.02 -13.08
CA THR A 289 -10.24 -8.42 -12.91
C THR A 289 -9.82 -8.25 -11.44
N LYS A 290 -9.13 -7.15 -11.14
CA LYS A 290 -8.64 -6.94 -9.80
C LYS A 290 -8.55 -5.46 -9.43
N ASP A 291 -9.11 -5.10 -8.26
CA ASP A 291 -8.92 -3.78 -7.68
C ASP A 291 -9.24 -2.63 -8.63
N LEU A 292 -10.37 -2.74 -9.34
CA LEU A 292 -10.79 -1.67 -10.25
C LEU A 292 -11.53 -0.57 -9.47
N LEU A 293 -11.03 0.66 -9.59
CA LEU A 293 -11.56 1.85 -8.91
C LEU A 293 -11.28 1.85 -7.40
N PHE A 294 -11.56 0.73 -6.73
CA PHE A 294 -11.29 0.55 -5.31
C PHE A 294 -10.60 -0.80 -5.12
N ARG A 295 -9.85 -0.97 -4.03
CA ARG A 295 -9.36 -2.31 -3.71
C ARG A 295 -10.55 -3.25 -3.46
N ASP A 296 -10.44 -4.48 -3.94
CA ASP A 296 -11.53 -5.45 -3.76
C ASP A 296 -11.73 -5.80 -2.28
N ASP A 297 -10.71 -5.51 -1.47
CA ASP A 297 -10.76 -5.73 -0.02
C ASP A 297 -11.57 -4.68 0.72
N THR A 298 -11.96 -3.63 0.02
CA THR A 298 -12.68 -2.53 0.65
C THR A 298 -14.03 -2.98 1.21
N VAL A 299 -14.27 -2.66 2.48
CA VAL A 299 -15.55 -2.96 3.13
C VAL A 299 -16.48 -1.76 3.07
N CYS A 300 -15.91 -0.56 3.25
CA CYS A 300 -16.67 0.67 3.13
C CYS A 300 -15.72 1.84 2.95
N LEU A 301 -16.27 3.00 2.60
CA LEU A 301 -15.50 4.22 2.51
C LEU A 301 -15.84 5.08 3.71
N ALA A 302 -14.83 5.42 4.51
CA ALA A 302 -15.07 6.06 5.79
C ALA A 302 -14.73 7.55 5.76
N LYS A 303 -15.63 8.37 6.26
CA LYS A 303 -15.45 9.82 6.24
C LYS A 303 -14.26 10.25 7.09
N LEU A 304 -13.38 11.04 6.50
CA LEU A 304 -12.25 11.61 7.23
C LEU A 304 -12.68 12.92 7.92
N HIS A 305 -12.22 13.10 9.15
CA HIS A 305 -12.55 14.30 9.91
C HIS A 305 -11.29 15.15 10.08
N ASP A 306 -10.43 14.79 11.03
CA ASP A 306 -9.20 15.54 11.24
C ASP A 306 -8.15 15.24 10.16
N ARG A 307 -8.19 14.04 9.60
CA ARG A 307 -7.13 13.65 8.68
C ARG A 307 -7.47 13.95 7.23
N ASN A 308 -8.05 15.12 6.98
CA ASN A 308 -8.49 15.46 5.62
C ASN A 308 -7.53 16.41 4.91
N THR A 309 -6.25 16.27 5.20
CA THR A 309 -5.20 16.88 4.39
C THR A 309 -4.12 15.82 4.24
N TYR A 310 -3.27 15.92 3.21
CA TYR A 310 -2.27 14.89 3.02
C TYR A 310 -1.29 14.85 4.19
N GLU A 311 -1.00 16.01 4.78
CA GLU A 311 -0.01 16.05 5.85
C GLU A 311 -0.53 15.41 7.12
N LYS A 312 -1.85 15.45 7.30
CA LYS A 312 -2.47 14.83 8.46
C LYS A 312 -2.82 13.36 8.15
N TYR A 313 -3.15 13.08 6.90
CA TYR A 313 -3.52 11.71 6.53
C TYR A 313 -2.30 10.78 6.50
N LEU A 314 -1.16 11.32 6.05
CA LEU A 314 0.06 10.52 5.86
C LEU A 314 1.04 10.69 7.02
N GLY A 315 1.67 9.60 7.44
CA GLY A 315 2.66 9.67 8.51
C GLY A 315 3.88 10.49 8.12
N GLU A 316 4.60 11.00 9.12
CA GLU A 316 5.76 11.85 8.85
C GLU A 316 6.88 11.08 8.15
N GLU A 317 7.22 9.89 8.67
CA GLU A 317 8.26 9.08 8.05
C GLU A 317 7.77 8.54 6.71
N TYR A 318 6.47 8.30 6.61
CA TYR A 318 5.92 7.87 5.34
C TYR A 318 6.18 8.93 4.27
N VAL A 319 5.88 10.19 4.59
CA VAL A 319 6.10 11.27 3.65
C VAL A 319 7.57 11.40 3.28
N LYS A 320 8.44 11.22 4.27
CA LYS A 320 9.88 11.26 3.99
C LYS A 320 10.28 10.16 2.99
N ALA A 321 9.77 8.96 3.22
CA ALA A 321 10.10 7.81 2.37
C ALA A 321 9.62 8.01 0.93
N VAL A 322 8.36 8.38 0.77
CA VAL A 322 7.84 8.57 -0.58
C VAL A 322 8.49 9.76 -1.26
N GLY A 323 8.77 10.81 -0.49
CA GLY A 323 9.50 11.94 -1.03
C GLY A 323 10.87 11.54 -1.57
N ASN A 324 11.59 10.72 -0.81
CA ASN A 324 12.89 10.24 -1.27
C ASN A 324 12.80 9.38 -2.52
N LEU A 325 11.80 8.51 -2.60
CA LEU A 325 11.63 7.69 -3.80
C LEU A 325 11.42 8.58 -5.02
N ARG A 326 10.72 9.70 -4.82
CA ARG A 326 10.46 10.62 -5.93
C ARG A 326 11.72 11.33 -6.45
N LYS A 327 12.78 11.34 -5.65
CA LYS A 327 14.06 11.86 -6.12
C LYS A 327 14.70 10.94 -7.15
N CYS A 328 14.29 9.68 -7.15
CA CYS A 328 14.86 8.69 -8.07
C CYS A 328 13.96 8.38 -9.26
N SER A 329 12.69 8.73 -9.14
CA SER A 329 11.76 8.55 -10.25
C SER A 329 10.79 9.71 -10.23
N THR A 330 11.07 10.72 -11.05
CA THR A 330 10.39 12.01 -10.91
C THR A 330 9.06 12.09 -11.64
N SER A 331 8.31 13.14 -11.32
CA SER A 331 6.96 13.34 -11.81
C SER A 331 6.77 14.75 -12.35
N SER A 332 6.34 14.89 -13.61
CA SER A 332 6.06 16.19 -14.17
C SER A 332 4.93 16.89 -13.41
N LEU A 333 3.96 16.13 -12.94
CA LEU A 333 2.88 16.69 -12.15
C LEU A 333 3.40 17.24 -10.82
N LEU A 334 4.20 16.45 -10.12
CA LEU A 334 4.78 16.89 -8.86
C LEU A 334 5.57 18.18 -9.06
N GLU A 335 6.36 18.23 -10.14
CA GLU A 335 7.14 19.43 -10.46
C GLU A 335 6.24 20.63 -10.67
N ALA A 336 5.22 20.47 -11.51
CA ALA A 336 4.28 21.55 -11.79
C ALA A 336 3.65 22.09 -10.52
N CYS A 337 3.41 21.21 -9.55
CA CYS A 337 2.71 21.60 -8.33
C CYS A 337 3.62 22.12 -7.22
N THR A 338 4.90 21.80 -7.28
CA THR A 338 5.83 22.18 -6.22
C THR A 338 6.62 23.44 -6.55
N PHE A 339 6.35 24.02 -7.72
CA PHE A 339 6.95 25.29 -8.07
C PHE A 339 6.31 26.40 -7.25
#